data_8FSR
#
_entry.id   8FSR
#
_cell.length_a   89.523
_cell.length_b   103.121
_cell.length_c   144.010
_cell.angle_alpha   90.00
_cell.angle_beta   90.00
_cell.angle_gamma   90.00
#
_symmetry.space_group_name_H-M   'I 2 2 2'
#
loop_
_entity.id
_entity.type
_entity.pdbx_description
1 polymer YejA
2 polymer 'Peptide Precursor of Microcin C7'
3 water water
#
loop_
_entity_poly.entity_id
_entity_poly.type
_entity_poly.pdbx_seq_one_letter_code
_entity_poly.pdbx_strand_id
1 'polypeptide(L)'
;QAIKESYAFAVLGEPRYAFNFNHFDYVNPAAPKGGQITLSALGTFDNFNRYALRGNPGARTEQLYDTLFTTSDDEPGSYY
PLIAESARYADDYSWVEVAINPRARFHDGSPITARDVEFTFQKFMTEGVPQFRLVYKGTTVKAIAPLTVRIELAKPGKED
MLSLFSLPVFPEKYWKDHKLSDPLATPPLASGPYRVTSWKMGQNIVYSRVKDYWAANLPVNRGRWNFDTIRYDYYLDDNV
AFEAFKAGAFDLRMENDAKNWATRYTGKNFDKKYIIKDEQKNESAQDTRWLAFNIQRPVFSDRRVREAITLAFDFEWMNK
ALFYNAWSRTNSYFQNTEYAARNYPDAAELVLLAPMKKDLPSEVFTQIYQPPVSKGDGYDRDNLLKADKLLNEAGWVLKG
QQRVNATTGQPLSFELLLPASSNSQWVLPFQHSLQRLGINMDIRKVDNSQITNRMRSRDYDMMPRVWRAMPWPSSDLQIS
WSSEYINSTYNAPGVQSPVIDSLINQIIAAQGNKEKLLPLGRALDRVLTWNYYMLPMWYMAEDRLAWWDKFSQPAVRPVY
SLGIDTWWYDVNKAAKLPSASKQGE
;
A
2 'polypeptide(L)' (FME)RTGNAN B
#
# COMPACT_ATOMS: atom_id res chain seq x y z
N LYS A 4 27.88 -15.38 5.77
CA LYS A 4 28.59 -15.64 4.50
C LYS A 4 27.75 -16.46 3.52
N GLU A 5 27.05 -17.52 3.91
CA GLU A 5 26.08 -18.23 3.01
C GLU A 5 24.76 -18.60 3.66
N SER A 6 23.63 -18.20 3.06
CA SER A 6 22.34 -18.55 3.62
C SER A 6 21.27 -18.86 2.57
N TYR A 7 20.20 -19.42 3.11
CA TYR A 7 19.00 -19.83 2.40
C TYR A 7 17.82 -18.94 2.71
N ALA A 8 17.98 -18.00 3.67
CA ALA A 8 16.90 -17.21 4.18
C ALA A 8 17.45 -15.91 4.78
N PHE A 9 16.68 -14.82 4.69
CA PHE A 9 17.13 -13.47 5.05
C PHE A 9 16.01 -12.76 5.76
N ALA A 10 16.37 -11.81 6.61
CA ALA A 10 15.36 -11.02 7.34
C ALA A 10 15.89 -9.59 7.44
N VAL A 11 15.03 -8.58 7.24
CA VAL A 11 15.50 -7.18 7.23
C VAL A 11 15.95 -6.84 8.63
N LEU A 12 15.16 -7.27 9.62
CA LEU A 12 15.47 -7.11 11.01
C LEU A 12 15.38 -8.46 11.66
N GLY A 13 16.41 -8.83 12.39
CA GLY A 13 16.38 -10.04 13.26
C GLY A 13 16.65 -11.23 12.37
N GLU A 14 16.24 -12.41 12.81
CA GLU A 14 16.45 -13.61 12.05
C GLU A 14 15.15 -14.11 11.42
N PRO A 15 15.25 -14.81 10.28
CA PRO A 15 14.09 -15.40 9.65
C PRO A 15 13.45 -16.53 10.49
N ARG A 16 12.13 -16.48 10.68
CA ARG A 16 11.41 -17.57 11.36
C ARG A 16 11.68 -18.99 10.79
N TYR A 17 11.75 -19.12 9.47
CA TYR A 17 11.86 -20.46 8.88
C TYR A 17 13.31 -20.77 8.45
N ALA A 18 14.25 -20.37 9.27
CA ALA A 18 15.66 -20.61 9.01
C ALA A 18 16.08 -22.11 9.04
N PHE A 19 15.29 -22.97 9.68
CA PHE A 19 15.72 -24.35 9.91
C PHE A 19 14.61 -25.33 9.59
N ASN A 20 14.92 -26.38 8.81
CA ASN A 20 13.99 -27.46 8.56
C ASN A 20 12.71 -26.90 7.89
N PHE A 21 12.89 -26.07 6.86
CA PHE A 21 11.74 -25.37 6.28
C PHE A 21 11.06 -26.24 5.23
N ASN A 22 9.92 -26.86 5.58
CA ASN A 22 9.15 -27.69 4.64
C ASN A 22 7.92 -27.00 4.04
N HIS A 23 7.30 -26.15 4.83
CA HIS A 23 6.17 -25.36 4.41
C HIS A 23 5.92 -24.33 5.48
N PHE A 24 5.17 -23.29 5.14
CA PHE A 24 4.88 -22.28 6.13
C PHE A 24 3.90 -22.85 7.17
N ASP A 25 3.84 -22.22 8.34
CA ASP A 25 2.89 -22.63 9.41
C ASP A 25 1.41 -22.39 9.06
N TYR A 26 1.16 -21.43 8.19
CA TYR A 26 -0.18 -20.97 7.87
C TYR A 26 -0.76 -21.59 6.58
N VAL A 27 -0.26 -22.76 6.19
CA VAL A 27 -0.81 -23.52 5.06
C VAL A 27 -1.12 -24.89 5.51
N ASN A 28 -1.96 -25.54 4.73
CA ASN A 28 -2.20 -26.99 4.79
C ASN A 28 -1.41 -27.53 3.58
N PRO A 29 -0.29 -28.20 3.86
CA PRO A 29 0.52 -28.76 2.76
C PRO A 29 -0.22 -29.79 1.92
N ALA A 30 -1.23 -30.44 2.47
CA ALA A 30 -2.07 -31.34 1.69
C ALA A 30 -3.23 -30.63 0.96
N ALA A 31 -3.25 -29.30 0.82
CA ALA A 31 -4.46 -28.69 0.22
C ALA A 31 -4.67 -29.20 -1.17
N PRO A 32 -5.93 -29.55 -1.53
CA PRO A 32 -6.23 -30.06 -2.85
C PRO A 32 -6.33 -28.93 -3.87
N LYS A 33 -5.98 -29.28 -5.09
CA LYS A 33 -5.98 -28.39 -6.26
C LYS A 33 -7.31 -28.48 -6.96
N GLY A 34 -7.77 -27.36 -7.55
CA GLY A 34 -9.00 -27.35 -8.29
C GLY A 34 -9.93 -26.21 -7.93
N GLY A 35 -10.98 -26.05 -8.74
CA GLY A 35 -12.03 -25.09 -8.49
C GLY A 35 -11.68 -23.65 -8.88
N GLN A 36 -12.68 -22.79 -8.78
CA GLN A 36 -12.57 -21.38 -9.09
C GLN A 36 -12.89 -20.56 -7.87
N ILE A 37 -12.14 -19.46 -7.73
CA ILE A 37 -12.49 -18.34 -6.89
C ILE A 37 -12.68 -17.11 -7.81
N THR A 38 -13.82 -16.46 -7.64
CA THR A 38 -14.19 -15.26 -8.36
C THR A 38 -14.15 -14.09 -7.38
N LEU A 39 -13.43 -13.04 -7.77
CA LEU A 39 -13.21 -11.81 -7.00
C LEU A 39 -13.67 -10.58 -7.76
N SER A 40 -13.94 -9.52 -6.98
CA SER A 40 -14.22 -8.20 -7.51
C SER A 40 -13.02 -7.31 -7.57
N ALA A 41 -13.04 -6.35 -8.52
CA ALA A 41 -12.16 -5.22 -8.46
C ALA A 41 -12.97 -3.98 -8.81
N LEU A 42 -12.56 -2.84 -8.30
CA LEU A 42 -13.30 -1.59 -8.51
C LEU A 42 -12.60 -0.77 -9.56
N GLY A 43 -13.37 -0.23 -10.50
CA GLY A 43 -12.88 0.75 -11.44
C GLY A 43 -12.72 0.07 -12.76
N THR A 44 -11.52 0.17 -13.35
CA THR A 44 -11.28 -0.43 -14.65
C THR A 44 -9.80 -0.75 -14.77
N PHE A 45 -9.41 -1.35 -15.89
CA PHE A 45 -7.99 -1.53 -16.23
C PHE A 45 -7.92 -1.42 -17.73
N ASP A 46 -6.73 -1.13 -18.20
CA ASP A 46 -6.53 -0.98 -19.62
C ASP A 46 -5.21 -1.58 -20.14
N ASN A 47 -4.43 -2.26 -19.29
CA ASN A 47 -3.22 -2.93 -19.78
C ASN A 47 -2.68 -3.89 -18.75
N PHE A 48 -1.61 -4.59 -19.11
CA PHE A 48 -1.06 -5.70 -18.34
C PHE A 48 0.33 -5.51 -17.76
N ASN A 49 0.89 -4.30 -17.91
CA ASN A 49 2.22 -3.95 -17.45
C ASN A 49 2.15 -3.06 -16.20
N ARG A 50 2.29 -3.69 -15.04
CA ARG A 50 2.36 -3.02 -13.79
C ARG A 50 3.47 -1.99 -13.63
N TYR A 51 4.55 -2.14 -14.39
CA TYR A 51 5.81 -1.42 -14.23
C TYR A 51 5.94 -0.22 -15.22
N ALA A 52 4.90 0.01 -15.98
CA ALA A 52 4.89 1.05 -16.97
C ALA A 52 4.81 2.44 -16.33
N LEU A 53 5.16 3.48 -17.08
CA LEU A 53 5.06 4.87 -16.59
C LEU A 53 3.60 5.32 -16.53
N ARG A 54 2.72 4.71 -17.30
CA ARG A 54 1.32 5.11 -17.36
C ARG A 54 0.38 3.93 -17.51
N GLY A 55 -0.92 4.19 -17.37
CA GLY A 55 -1.92 3.19 -17.59
C GLY A 55 -2.43 2.68 -16.26
N ASN A 56 -3.45 1.90 -16.37
CA ASN A 56 -4.19 1.36 -15.28
C ASN A 56 -4.02 -0.14 -15.41
N PRO A 57 -3.10 -0.72 -14.67
CA PRO A 57 -2.84 -2.13 -14.83
C PRO A 57 -3.86 -3.06 -14.21
N GLY A 58 -4.02 -4.24 -14.79
CA GLY A 58 -5.01 -5.20 -14.38
C GLY A 58 -4.72 -5.77 -12.99
N ALA A 59 -5.80 -6.19 -12.31
CA ALA A 59 -5.75 -6.91 -11.04
C ALA A 59 -4.70 -8.06 -11.11
N ARG A 60 -3.86 -8.17 -10.08
CA ARG A 60 -2.84 -9.16 -9.92
C ARG A 60 -1.66 -9.09 -10.92
N THR A 61 -1.54 -8.04 -11.73
CA THR A 61 -0.48 -7.94 -12.72
C THR A 61 0.87 -7.59 -12.10
N GLU A 62 0.90 -7.39 -10.78
CA GLU A 62 2.13 -7.28 -9.99
C GLU A 62 2.63 -8.63 -9.50
N GLN A 63 1.87 -9.70 -9.72
CA GLN A 63 2.31 -11.08 -9.39
C GLN A 63 2.40 -12.01 -10.60
N LEU A 64 2.67 -11.48 -11.79
CA LEU A 64 2.85 -12.29 -12.96
C LEU A 64 4.14 -13.07 -12.91
N TYR A 65 5.15 -12.57 -12.17
CA TYR A 65 6.51 -13.08 -12.21
C TYR A 65 6.95 -13.60 -10.87
N ASP A 66 7.60 -14.76 -10.89
CA ASP A 66 8.41 -15.13 -9.74
C ASP A 66 9.66 -14.19 -9.61
N THR A 67 10.20 -14.20 -8.42
CA THR A 67 11.29 -13.36 -7.97
C THR A 67 12.38 -14.26 -7.37
N LEU A 68 13.53 -13.69 -7.05
CA LEU A 68 14.65 -14.48 -6.54
C LEU A 68 14.33 -15.10 -5.20
N PHE A 69 13.83 -14.28 -4.29
CA PHE A 69 13.35 -14.82 -3.01
C PHE A 69 11.96 -14.24 -2.81
N THR A 70 11.19 -14.87 -1.94
CA THR A 70 9.83 -14.43 -1.68
C THR A 70 9.58 -14.30 -0.19
N THR A 71 8.74 -13.33 0.19
CA THR A 71 8.54 -12.98 1.61
C THR A 71 7.52 -13.90 2.26
N SER A 72 7.71 -14.32 3.53
CA SER A 72 6.61 -14.98 4.22
C SER A 72 5.55 -13.89 4.60
N ASP A 73 4.32 -14.35 4.80
CA ASP A 73 3.17 -13.51 5.21
C ASP A 73 2.92 -13.46 6.71
N ASP A 74 3.71 -14.20 7.48
CA ASP A 74 3.62 -14.14 8.92
C ASP A 74 4.81 -13.42 9.56
N GLU A 75 5.54 -12.62 8.79
CA GLU A 75 6.70 -11.87 9.27
C GLU A 75 6.78 -10.57 8.54
N PRO A 76 7.39 -9.55 9.17
CA PRO A 76 7.43 -8.25 8.50
C PRO A 76 8.28 -8.18 7.24
N GLY A 77 9.42 -8.88 7.26
CA GLY A 77 10.35 -8.78 6.12
C GLY A 77 11.33 -9.93 6.05
N SER A 78 10.82 -11.14 5.83
CA SER A 78 11.69 -12.35 5.75
C SER A 78 11.56 -13.04 4.38
N TYR A 79 12.70 -13.44 3.79
CA TYR A 79 12.84 -13.84 2.40
C TYR A 79 13.33 -15.25 2.33
N TYR A 80 12.71 -16.02 1.45
CA TYR A 80 12.93 -17.45 1.31
C TYR A 80 13.06 -17.82 -0.14
N PRO A 81 13.70 -18.97 -0.41
CA PRO A 81 14.06 -19.29 -1.80
C PRO A 81 12.88 -19.46 -2.78
N LEU A 82 12.99 -18.83 -3.94
CA LEU A 82 12.03 -19.03 -4.96
C LEU A 82 12.81 -19.34 -6.25
N ILE A 83 13.08 -18.37 -7.11
CA ILE A 83 13.94 -18.65 -8.23
C ILE A 83 15.42 -18.97 -7.77
N ALA A 84 15.87 -18.25 -6.75
CA ALA A 84 17.20 -18.39 -6.16
C ALA A 84 17.12 -19.61 -5.29
N GLU A 85 18.22 -20.36 -5.18
CA GLU A 85 18.38 -21.36 -4.12
C GLU A 85 19.01 -20.83 -2.86
N SER A 86 19.96 -19.90 -3.04
CA SER A 86 20.81 -19.45 -1.91
C SER A 86 21.63 -18.26 -2.27
N ALA A 87 22.30 -17.69 -1.29
CA ALA A 87 23.20 -16.60 -1.57
C ALA A 87 24.39 -16.55 -0.67
N ARG A 88 25.49 -16.11 -1.28
CA ARG A 88 26.69 -15.80 -0.55
C ARG A 88 26.78 -14.30 -0.42
N TYR A 89 27.26 -13.82 0.72
CA TYR A 89 27.25 -12.38 0.94
C TYR A 89 28.27 -11.85 1.92
N ALA A 90 28.68 -10.61 1.64
CA ALA A 90 29.42 -9.77 2.63
C ALA A 90 28.66 -9.64 3.94
N ASP A 91 29.37 -9.50 5.05
CA ASP A 91 28.69 -9.23 6.35
C ASP A 91 27.89 -7.95 6.37
N ASP A 92 28.26 -6.95 5.59
CA ASP A 92 27.48 -5.69 5.51
C ASP A 92 26.37 -5.66 4.42
N TYR A 93 26.15 -6.83 3.78
CA TYR A 93 25.23 -7.02 2.66
C TYR A 93 25.48 -6.12 1.46
N SER A 94 26.69 -5.53 1.33
CA SER A 94 26.98 -4.65 0.19
C SER A 94 27.23 -5.40 -1.08
N TRP A 95 27.43 -6.70 -0.99
CA TRP A 95 27.47 -7.53 -2.16
C TRP A 95 26.89 -8.88 -1.84
N VAL A 96 26.31 -9.49 -2.85
CA VAL A 96 25.71 -10.80 -2.69
C VAL A 96 25.90 -11.50 -4.03
N GLU A 97 26.13 -12.81 -3.95
CA GLU A 97 26.19 -13.69 -5.13
C GLU A 97 25.06 -14.72 -5.00
N VAL A 98 24.11 -14.64 -5.91
CA VAL A 98 22.85 -15.41 -5.77
C VAL A 98 22.93 -16.60 -6.69
N ALA A 99 22.75 -17.80 -6.14
CA ALA A 99 22.67 -19.04 -6.97
C ALA A 99 21.23 -19.30 -7.44
N ILE A 100 21.05 -19.35 -8.77
CA ILE A 100 19.79 -19.55 -9.43
C ILE A 100 19.48 -21.06 -9.53
N ASN A 101 18.25 -21.44 -9.22
CA ASN A 101 17.79 -22.81 -9.27
C ASN A 101 17.86 -23.24 -10.71
N PRO A 102 18.60 -24.32 -10.99
CA PRO A 102 18.64 -24.77 -12.40
C PRO A 102 17.31 -25.32 -12.98
N ARG A 103 16.32 -25.59 -12.14
CA ARG A 103 14.99 -25.98 -12.57
C ARG A 103 14.02 -24.80 -12.97
N ALA A 104 14.47 -23.55 -12.81
CA ALA A 104 13.62 -22.37 -12.84
C ALA A 104 13.30 -22.17 -14.29
N ARG A 105 12.02 -22.03 -14.59
CA ARG A 105 11.54 -21.88 -16.00
C ARG A 105 10.47 -20.75 -16.12
N PHE A 106 10.45 -20.08 -17.28
CA PHE A 106 9.36 -19.29 -17.72
C PHE A 106 8.26 -20.23 -18.26
N HIS A 107 7.10 -19.62 -18.51
CA HIS A 107 5.93 -20.37 -18.95
C HIS A 107 6.08 -21.09 -20.31
N ASP A 108 6.99 -20.61 -21.15
CA ASP A 108 7.24 -21.26 -22.46
C ASP A 108 8.23 -22.41 -22.30
N GLY A 109 8.61 -22.74 -21.06
CA GLY A 109 9.51 -23.83 -20.78
C GLY A 109 10.98 -23.49 -20.97
N SER A 110 11.31 -22.23 -21.18
CA SER A 110 12.70 -21.79 -21.30
C SER A 110 13.33 -21.46 -19.94
N PRO A 111 14.67 -21.66 -19.80
CA PRO A 111 15.32 -21.42 -18.51
C PRO A 111 15.39 -19.96 -18.06
N ILE A 112 15.25 -19.78 -16.75
CA ILE A 112 15.55 -18.52 -16.07
C ILE A 112 17.01 -18.58 -15.62
N THR A 113 17.79 -17.68 -16.18
CA THR A 113 19.24 -17.61 -15.97
C THR A 113 19.71 -16.32 -15.29
N ALA A 114 20.98 -16.35 -14.90
CA ALA A 114 21.62 -15.18 -14.35
C ALA A 114 21.55 -14.00 -15.37
N ARG A 115 21.67 -14.31 -16.64
CA ARG A 115 21.56 -13.26 -17.64
C ARG A 115 20.19 -12.58 -17.56
N ASP A 116 19.13 -13.35 -17.37
CA ASP A 116 17.79 -12.72 -17.32
C ASP A 116 17.73 -11.73 -16.15
N VAL A 117 18.32 -12.10 -15.00
CA VAL A 117 18.39 -11.19 -13.87
C VAL A 117 19.19 -9.88 -14.16
N GLU A 118 20.37 -10.02 -14.80
CA GLU A 118 21.20 -8.89 -15.21
C GLU A 118 20.42 -8.00 -16.21
N PHE A 119 19.81 -8.64 -17.19
CA PHE A 119 18.97 -7.95 -18.16
C PHE A 119 17.82 -7.18 -17.42
N THR A 120 17.23 -7.82 -16.41
CA THR A 120 16.06 -7.24 -15.72
C THR A 120 16.49 -5.97 -15.01
N PHE A 121 17.60 -6.03 -14.30
CA PHE A 121 18.08 -4.89 -13.53
C PHE A 121 18.35 -3.68 -14.46
N GLN A 122 19.00 -3.94 -15.58
CA GLN A 122 19.35 -2.90 -16.54
C GLN A 122 18.08 -2.33 -17.17
N LYS A 123 17.10 -3.21 -17.39
CA LYS A 123 15.81 -2.79 -17.90
C LYS A 123 15.08 -1.78 -16.96
N PHE A 124 15.01 -2.06 -15.66
CA PHE A 124 14.49 -1.12 -14.69
C PHE A 124 15.30 0.17 -14.58
N MET A 125 16.64 0.05 -14.66
CA MET A 125 17.50 1.18 -14.59
C MET A 125 17.31 2.15 -15.77
N THR A 126 17.02 1.62 -16.95
CA THR A 126 16.98 2.45 -18.15
C THR A 126 15.57 2.79 -18.60
N GLU A 127 14.58 1.94 -18.34
CA GLU A 127 13.21 2.19 -18.83
C GLU A 127 12.13 2.16 -17.74
N GLY A 128 12.53 1.95 -16.48
CA GLY A 128 11.61 1.80 -15.38
C GLY A 128 11.26 3.15 -14.80
N VAL A 129 10.43 3.09 -13.78
CA VAL A 129 10.04 4.26 -13.07
C VAL A 129 11.26 5.01 -12.60
N PRO A 130 11.19 6.37 -12.60
CA PRO A 130 12.42 7.15 -12.37
C PRO A 130 13.00 6.94 -10.97
N GLN A 131 12.17 6.62 -10.00
CA GLN A 131 12.74 6.37 -8.69
C GLN A 131 13.75 5.20 -8.60
N PHE A 132 13.60 4.18 -9.48
CA PHE A 132 14.41 2.96 -9.37
C PHE A 132 15.90 3.28 -9.59
N ARG A 133 16.19 4.04 -10.64
CA ARG A 133 17.60 4.41 -10.97
C ARG A 133 18.20 5.38 -9.95
N LEU A 134 17.31 6.06 -9.21
CA LEU A 134 17.75 6.92 -8.16
C LEU A 134 18.11 6.10 -6.96
N VAL A 135 17.28 5.16 -6.61
CA VAL A 135 17.55 4.32 -5.40
C VAL A 135 18.81 3.48 -5.64
N TYR A 136 18.89 2.87 -6.81
CA TYR A 136 20.02 1.91 -7.16
C TYR A 136 21.17 2.55 -7.99
N LYS A 137 21.29 3.87 -7.89
CA LYS A 137 22.30 4.64 -8.59
C LYS A 137 23.67 4.05 -8.38
N GLY A 138 24.09 3.79 -7.20
CA GLY A 138 25.51 3.15 -7.41
C GLY A 138 25.65 1.64 -7.79
N THR A 139 24.54 0.98 -8.13
CA THR A 139 24.43 -0.50 -8.00
C THR A 139 24.69 -1.20 -9.32
N THR A 140 25.32 -2.37 -9.26
CA THR A 140 25.47 -3.23 -10.45
C THR A 140 24.99 -4.64 -10.15
N VAL A 141 24.53 -5.26 -11.23
CA VAL A 141 23.99 -6.60 -11.16
C VAL A 141 24.58 -7.30 -12.40
N LYS A 142 25.33 -8.35 -12.12
CA LYS A 142 26.10 -9.00 -13.16
C LYS A 142 26.01 -10.50 -13.10
N ALA A 143 25.71 -11.10 -14.25
CA ALA A 143 25.83 -12.58 -14.40
C ALA A 143 27.33 -12.96 -14.41
N ILE A 144 27.85 -13.54 -13.32
CA ILE A 144 29.26 -13.92 -13.28
C ILE A 144 29.44 -15.40 -13.64
N ALA A 145 28.33 -16.15 -13.71
CA ALA A 145 28.35 -17.50 -14.19
C ALA A 145 26.94 -17.75 -14.71
N PRO A 146 26.71 -18.88 -15.42
CA PRO A 146 25.37 -19.07 -15.99
C PRO A 146 24.23 -18.95 -15.01
N LEU A 147 24.39 -19.47 -13.77
CA LEU A 147 23.38 -19.44 -12.76
C LEU A 147 23.84 -18.72 -11.47
N THR A 148 24.75 -17.74 -11.61
CA THR A 148 25.20 -16.95 -10.45
C THR A 148 25.12 -15.51 -10.81
N VAL A 149 24.41 -14.75 -10.00
CA VAL A 149 24.32 -13.30 -10.28
C VAL A 149 24.87 -12.59 -9.11
N ARG A 150 25.75 -11.65 -9.41
CA ARG A 150 26.42 -10.87 -8.35
C ARG A 150 25.86 -9.47 -8.29
N ILE A 151 25.45 -9.11 -7.11
CA ILE A 151 24.89 -7.76 -6.88
C ILE A 151 25.87 -6.97 -6.04
N GLU A 152 26.22 -5.78 -6.51
CA GLU A 152 27.07 -4.86 -5.74
C GLU A 152 26.40 -3.51 -5.58
N LEU A 153 26.24 -3.13 -4.32
CA LEU A 153 25.74 -1.77 -3.97
C LEU A 153 26.92 -0.80 -3.81
N ALA A 154 26.77 0.47 -4.16
CA ALA A 154 27.83 1.51 -3.87
C ALA A 154 27.89 1.93 -2.44
N LYS A 155 26.82 1.68 -1.68
CA LYS A 155 26.80 2.03 -0.26
C LYS A 155 25.96 1.04 0.47
N PRO A 156 26.21 0.88 1.78
CA PRO A 156 25.50 -0.19 2.47
C PRO A 156 23.98 0.07 2.48
N GLY A 157 23.22 -1.00 2.37
CA GLY A 157 21.78 -0.87 2.30
C GLY A 157 21.18 -2.25 2.34
N LYS A 158 21.18 -2.84 3.54
CA LYS A 158 20.71 -4.23 3.63
C LYS A 158 19.26 -4.44 3.04
N GLU A 159 18.41 -3.44 3.24
CA GLU A 159 17.06 -3.49 2.82
C GLU A 159 17.03 -3.26 1.33
N ASP A 160 17.90 -2.39 0.86
CA ASP A 160 17.94 -2.15 -0.60
C ASP A 160 18.39 -3.42 -1.39
N MET A 161 19.32 -4.14 -0.79
CA MET A 161 19.75 -5.45 -1.31
C MET A 161 18.59 -6.46 -1.29
N LEU A 162 17.98 -6.68 -0.12
CA LEU A 162 16.88 -7.60 -0.02
C LEU A 162 15.69 -7.23 -0.92
N SER A 163 15.43 -5.93 -1.10
CA SER A 163 14.37 -5.52 -2.01
CA SER A 163 14.40 -5.47 -2.02
C SER A 163 14.64 -5.97 -3.41
N LEU A 164 15.91 -6.08 -3.81
CA LEU A 164 16.17 -6.59 -5.17
C LEU A 164 15.82 -8.08 -5.30
N PHE A 165 15.73 -8.81 -4.19
CA PHE A 165 15.19 -10.15 -4.19
C PHE A 165 13.71 -10.26 -4.55
N SER A 166 12.98 -9.17 -4.47
CA SER A 166 11.55 -9.10 -4.81
C SER A 166 11.33 -8.56 -6.20
N LEU A 167 12.39 -8.27 -6.93
CA LEU A 167 12.21 -7.81 -8.34
C LEU A 167 11.66 -8.95 -9.19
N PRO A 168 10.63 -8.68 -10.03
CA PRO A 168 10.26 -9.71 -10.97
C PRO A 168 11.44 -10.07 -11.92
N VAL A 169 11.64 -11.35 -12.26
CA VAL A 169 12.69 -11.70 -13.17
C VAL A 169 12.08 -11.86 -14.55
N PHE A 170 12.48 -10.98 -15.44
CA PHE A 170 11.94 -10.93 -16.76
C PHE A 170 12.71 -11.77 -17.74
N PRO A 171 11.99 -12.36 -18.71
CA PRO A 171 12.65 -13.09 -19.74
C PRO A 171 13.07 -12.15 -20.82
N GLU A 172 14.37 -12.08 -20.99
CA GLU A 172 15.02 -11.27 -22.01
C GLU A 172 14.49 -11.52 -23.40
N LYS A 173 14.22 -12.78 -23.68
CA LYS A 173 13.75 -13.18 -24.99
C LYS A 173 12.44 -12.51 -25.37
N TYR A 174 11.62 -12.16 -24.38
CA TYR A 174 10.40 -11.40 -24.62
C TYR A 174 10.65 -9.91 -24.46
N TRP A 175 11.27 -9.52 -23.35
CA TRP A 175 11.29 -8.10 -23.02
C TRP A 175 12.28 -7.31 -23.86
N LYS A 176 13.22 -7.95 -24.55
CA LYS A 176 14.08 -7.23 -25.48
C LYS A 176 13.28 -6.44 -26.53
N ASP A 177 12.05 -6.87 -26.80
CA ASP A 177 11.19 -6.28 -27.83
C ASP A 177 10.10 -5.37 -27.26
N HIS A 178 10.11 -5.04 -25.97
CA HIS A 178 9.07 -4.16 -25.36
C HIS A 178 9.69 -3.23 -24.38
N LYS A 179 9.42 -1.95 -24.53
CA LYS A 179 9.87 -0.97 -23.53
C LYS A 179 9.12 -1.15 -22.22
N LEU A 180 9.89 -1.12 -21.14
CA LEU A 180 9.28 -1.30 -19.83
C LEU A 180 8.32 -0.17 -19.47
N SER A 181 8.57 1.02 -20.01
CA SER A 181 7.82 2.21 -19.75
C SER A 181 6.43 2.21 -20.47
N ASP A 182 6.21 1.31 -21.42
CA ASP A 182 4.98 1.32 -22.22
C ASP A 182 3.99 0.32 -21.67
N PRO A 183 2.70 0.70 -21.65
CA PRO A 183 1.67 -0.30 -21.39
C PRO A 183 1.64 -1.48 -22.40
N LEU A 184 1.09 -2.59 -21.93
CA LEU A 184 0.99 -3.81 -22.67
C LEU A 184 -0.51 -4.14 -22.86
N ALA A 185 -0.92 -4.23 -24.13
CA ALA A 185 -2.27 -4.66 -24.51
C ALA A 185 -2.54 -6.17 -24.29
N THR A 186 -1.46 -6.98 -24.21
CA THR A 186 -1.60 -8.40 -23.97
C THR A 186 -0.63 -8.83 -22.92
N PRO A 187 -0.92 -9.92 -22.24
CA PRO A 187 -0.01 -10.30 -21.13
C PRO A 187 1.42 -10.59 -21.62
N PRO A 188 2.46 -10.21 -20.85
CA PRO A 188 3.83 -10.55 -21.18
C PRO A 188 4.15 -12.01 -20.90
N LEU A 189 5.22 -12.54 -21.52
CA LEU A 189 5.69 -13.86 -21.20
C LEU A 189 6.11 -13.79 -19.69
N ALA A 190 5.62 -14.71 -18.90
CA ALA A 190 5.81 -14.69 -17.49
C ALA A 190 6.21 -16.02 -16.90
N SER A 191 6.06 -16.12 -15.58
CA SER A 191 6.64 -17.27 -14.89
C SER A 191 5.97 -17.76 -13.63
N GLY A 192 5.03 -16.99 -13.08
CA GLY A 192 4.44 -17.41 -11.80
C GLY A 192 3.41 -18.54 -11.91
N PRO A 193 2.87 -18.95 -10.74
CA PRO A 193 1.95 -20.09 -10.66
C PRO A 193 0.60 -19.88 -11.35
N TYR A 194 0.27 -18.62 -11.70
CA TYR A 194 -0.95 -18.33 -12.43
C TYR A 194 -0.57 -17.52 -13.65
N ARG A 195 -1.19 -17.84 -14.76
CA ARG A 195 -1.03 -17.13 -16.00
C ARG A 195 -2.40 -16.55 -16.50
N VAL A 196 -2.35 -15.35 -17.10
CA VAL A 196 -3.56 -14.79 -17.71
C VAL A 196 -3.97 -15.65 -18.91
N THR A 197 -5.20 -16.15 -18.93
CA THR A 197 -5.65 -16.97 -20.07
C THR A 197 -6.78 -16.34 -20.89
N SER A 198 -7.54 -15.44 -20.31
CA SER A 198 -8.51 -14.62 -21.07
C SER A 198 -8.80 -13.35 -20.28
N TRP A 199 -9.42 -12.44 -20.98
CA TRP A 199 -9.80 -11.17 -20.40
C TRP A 199 -10.75 -10.44 -21.34
N LYS A 200 -11.37 -9.42 -20.78
CA LYS A 200 -12.12 -8.46 -21.54
C LYS A 200 -11.74 -7.14 -21.01
N MET A 201 -11.15 -6.33 -21.85
CA MET A 201 -10.56 -5.09 -21.42
C MET A 201 -11.51 -4.18 -20.68
N GLY A 202 -11.12 -3.77 -19.47
CA GLY A 202 -11.98 -3.02 -18.57
C GLY A 202 -13.03 -3.79 -17.82
N GLN A 203 -13.19 -5.10 -18.04
CA GLN A 203 -14.31 -5.85 -17.39
C GLN A 203 -13.90 -7.10 -16.63
N ASN A 204 -13.04 -7.94 -17.21
CA ASN A 204 -12.62 -9.12 -16.42
C ASN A 204 -11.23 -9.60 -16.81
N ILE A 205 -10.61 -10.33 -15.90
CA ILE A 205 -9.34 -11.00 -16.17
C ILE A 205 -9.41 -12.36 -15.56
N VAL A 206 -9.04 -13.42 -16.33
CA VAL A 206 -9.05 -14.77 -15.83
C VAL A 206 -7.64 -15.31 -15.78
N TYR A 207 -7.25 -15.81 -14.60
CA TYR A 207 -5.97 -16.42 -14.39
C TYR A 207 -6.17 -17.90 -14.23
N SER A 208 -5.33 -18.68 -14.91
CA SER A 208 -5.39 -20.15 -14.78
C SER A 208 -4.12 -20.65 -14.09
N ARG A 209 -4.28 -21.65 -13.20
CA ARG A 209 -3.20 -22.26 -12.54
C ARG A 209 -2.38 -22.99 -13.57
N VAL A 210 -1.08 -22.71 -13.56
CA VAL A 210 -0.07 -23.39 -14.37
C VAL A 210 0.16 -24.80 -13.78
N LYS A 211 -0.35 -25.81 -14.47
CA LYS A 211 -0.44 -27.15 -13.84
C LYS A 211 0.94 -27.86 -13.77
N ASP A 212 1.90 -27.42 -14.56
CA ASP A 212 3.22 -27.99 -14.51
C ASP A 212 4.24 -26.97 -13.96
N TYR A 213 3.78 -26.03 -13.15
CA TYR A 213 4.63 -25.00 -12.56
C TYR A 213 5.86 -25.63 -11.92
N TRP A 214 7.02 -25.19 -12.37
CA TRP A 214 8.30 -25.81 -11.92
C TRP A 214 8.51 -25.80 -10.40
N ALA A 215 7.98 -24.79 -9.72
CA ALA A 215 8.25 -24.59 -8.30
C ALA A 215 7.09 -24.96 -7.41
N ALA A 216 6.12 -25.76 -7.90
CA ALA A 216 4.89 -26.02 -7.17
C ALA A 216 5.23 -26.66 -5.87
N ASN A 217 6.34 -27.40 -5.83
CA ASN A 217 6.75 -28.08 -4.62
C ASN A 217 7.86 -27.47 -3.83
N LEU A 218 8.28 -26.24 -4.13
CA LEU A 218 9.17 -25.57 -3.19
C LEU A 218 8.43 -25.29 -1.87
N PRO A 219 9.17 -25.26 -0.78
CA PRO A 219 8.56 -24.97 0.52
C PRO A 219 7.72 -23.70 0.53
N VAL A 220 8.15 -22.65 -0.15
CA VAL A 220 7.37 -21.39 -0.13
C VAL A 220 6.04 -21.54 -0.83
N ASN A 221 5.91 -22.53 -1.71
CA ASN A 221 4.72 -22.73 -2.51
C ASN A 221 3.81 -23.86 -2.05
N ARG A 222 4.29 -24.76 -1.16
CA ARG A 222 3.47 -25.83 -0.68
C ARG A 222 2.20 -25.39 0.02
N GLY A 223 1.09 -25.99 -0.40
CA GLY A 223 -0.23 -25.65 0.12
C GLY A 223 -0.82 -24.34 -0.34
N ARG A 224 -0.23 -23.73 -1.38
CA ARG A 224 -0.70 -22.44 -1.88
C ARG A 224 -0.96 -22.61 -3.35
N TRP A 225 -1.70 -21.64 -3.90
CA TRP A 225 -1.98 -21.57 -5.34
C TRP A 225 -2.86 -22.78 -5.71
N ASN A 226 -3.91 -23.00 -4.90
CA ASN A 226 -4.72 -24.22 -4.99
C ASN A 226 -5.80 -24.13 -6.10
N PHE A 227 -6.34 -22.94 -6.33
CA PHE A 227 -7.51 -22.83 -7.21
C PHE A 227 -7.03 -23.05 -8.61
N ASP A 228 -7.82 -23.70 -9.46
CA ASP A 228 -7.53 -23.80 -10.91
C ASP A 228 -7.73 -22.50 -11.62
N THR A 229 -8.70 -21.71 -11.17
CA THR A 229 -9.03 -20.45 -11.82
C THR A 229 -9.21 -19.33 -10.80
N ILE A 230 -8.70 -18.15 -11.13
CA ILE A 230 -8.93 -16.93 -10.36
C ILE A 230 -9.45 -15.93 -11.36
N ARG A 231 -10.68 -15.48 -11.14
CA ARG A 231 -11.38 -14.56 -12.03
C ARG A 231 -11.59 -13.25 -11.27
N TYR A 232 -11.27 -12.14 -11.91
CA TYR A 232 -11.56 -10.79 -11.38
C TYR A 232 -12.63 -10.17 -12.26
N ASP A 233 -13.77 -9.81 -11.67
CA ASP A 233 -14.74 -8.96 -12.43
C ASP A 233 -14.70 -7.55 -11.89
N TYR A 234 -14.76 -6.57 -12.79
CA TYR A 234 -14.66 -5.16 -12.44
C TYR A 234 -16.03 -4.51 -12.26
N TYR A 235 -16.18 -3.73 -11.21
CA TYR A 235 -17.43 -3.01 -10.88
C TYR A 235 -17.09 -1.52 -10.75
N LEU A 236 -17.94 -0.66 -11.33
CA LEU A 236 -17.75 0.80 -11.29
C LEU A 236 -17.98 1.42 -9.93
N ASP A 237 -18.65 0.75 -9.02
CA ASP A 237 -18.70 1.26 -7.66
C ASP A 237 -19.00 0.16 -6.70
N ASP A 238 -18.72 0.45 -5.43
CA ASP A 238 -18.67 -0.55 -4.40
C ASP A 238 -20.06 -1.00 -3.95
N ASN A 239 -21.05 -0.13 -4.09
CA ASN A 239 -22.45 -0.45 -3.79
C ASN A 239 -22.99 -1.53 -4.79
N VAL A 240 -22.71 -1.33 -6.06
CA VAL A 240 -23.10 -2.33 -7.09
C VAL A 240 -22.31 -3.66 -6.84
N ALA A 241 -21.01 -3.55 -6.50
CA ALA A 241 -20.25 -4.74 -6.16
C ALA A 241 -20.83 -5.41 -4.93
N PHE A 242 -21.21 -4.65 -3.93
CA PHE A 242 -21.69 -5.30 -2.65
C PHE A 242 -23.03 -6.05 -2.93
N GLU A 243 -23.91 -5.43 -3.72
CA GLU A 243 -25.15 -6.10 -4.11
C GLU A 243 -24.85 -7.33 -5.00
N ALA A 244 -23.87 -7.23 -5.91
CA ALA A 244 -23.48 -8.39 -6.69
C ALA A 244 -22.93 -9.53 -5.79
N PHE A 245 -22.11 -9.19 -4.80
CA PHE A 245 -21.64 -10.20 -3.81
C PHE A 245 -22.82 -10.92 -3.16
N LYS A 246 -23.79 -10.15 -2.66
CA LYS A 246 -24.96 -10.75 -1.94
C LYS A 246 -25.80 -11.67 -2.81
N ALA A 247 -25.84 -11.39 -4.11
CA ALA A 247 -26.49 -12.21 -5.08
C ALA A 247 -25.64 -13.40 -5.57
N GLY A 248 -24.44 -13.63 -5.02
CA GLY A 248 -23.51 -14.67 -5.50
C GLY A 248 -22.77 -14.42 -6.84
N ALA A 249 -22.58 -13.19 -7.30
CA ALA A 249 -21.83 -13.03 -8.53
C ALA A 249 -20.29 -13.14 -8.36
N PHE A 250 -19.80 -13.11 -7.13
CA PHE A 250 -18.35 -13.34 -6.82
C PHE A 250 -18.33 -13.84 -5.38
N ASP A 251 -17.23 -14.42 -4.97
CA ASP A 251 -17.22 -15.32 -3.78
C ASP A 251 -16.78 -14.78 -2.49
N LEU A 252 -16.14 -13.62 -2.52
CA LEU A 252 -15.39 -13.12 -1.37
C LEU A 252 -15.39 -11.62 -1.36
N ARG A 253 -15.65 -11.06 -0.19
CA ARG A 253 -15.71 -9.64 0.02
C ARG A 253 -15.01 -9.18 1.27
N MET A 254 -14.11 -8.20 1.10
CA MET A 254 -13.49 -7.46 2.21
C MET A 254 -14.38 -6.27 2.44
N GLU A 255 -14.96 -6.19 3.62
CA GLU A 255 -16.01 -5.18 3.79
C GLU A 255 -15.40 -3.89 4.40
N ASN A 256 -15.36 -2.83 3.63
CA ASN A 256 -14.80 -1.53 4.08
C ASN A 256 -15.77 -0.46 4.50
N ASP A 257 -17.04 -0.72 4.30
CA ASP A 257 -18.11 0.18 4.72
C ASP A 257 -18.77 -0.28 6.06
N ALA A 258 -18.73 0.60 7.06
CA ALA A 258 -19.27 0.26 8.39
C ALA A 258 -20.80 0.00 8.36
N LYS A 259 -21.53 0.74 7.52
CA LYS A 259 -22.97 0.59 7.43
C LYS A 259 -23.34 -0.73 6.76
N ASN A 260 -22.64 -1.10 5.69
CA ASN A 260 -22.85 -2.43 5.13
C ASN A 260 -22.76 -3.45 6.25
N TRP A 261 -21.66 -3.41 6.97
CA TRP A 261 -21.38 -4.47 7.91
C TRP A 261 -22.44 -4.50 9.01
N ALA A 262 -22.79 -3.33 9.53
CA ALA A 262 -23.73 -3.25 10.67
C ALA A 262 -25.16 -3.65 10.29
N THR A 263 -25.60 -3.39 9.06
CA THR A 263 -26.99 -3.43 8.75
C THR A 263 -27.39 -4.21 7.52
N ARG A 264 -26.46 -4.58 6.64
CA ARG A 264 -26.89 -5.13 5.37
C ARG A 264 -26.39 -6.53 5.13
N TYR A 265 -25.92 -7.21 6.16
CA TYR A 265 -25.52 -8.61 5.99
C TYR A 265 -26.76 -9.45 6.36
N THR A 266 -27.81 -9.33 5.56
CA THR A 266 -29.14 -9.92 5.87
C THR A 266 -29.76 -10.51 4.64
N GLY A 267 -30.77 -11.35 4.85
CA GLY A 267 -31.48 -11.96 3.73
C GLY A 267 -31.30 -13.48 3.75
N LYS A 268 -31.93 -14.10 2.78
CA LYS A 268 -32.05 -15.56 2.73
C LYS A 268 -30.66 -16.23 2.69
N ASN A 269 -29.75 -15.60 1.97
CA ASN A 269 -28.44 -16.21 1.78
C ASN A 269 -27.69 -16.31 3.09
N PHE A 270 -27.92 -15.38 4.03
CA PHE A 270 -27.32 -15.41 5.39
C PHE A 270 -28.06 -16.30 6.30
N ASP A 271 -29.39 -16.29 6.20
CA ASP A 271 -30.21 -17.18 7.04
C ASP A 271 -29.86 -18.64 6.82
N LYS A 272 -29.79 -19.00 5.55
CA LYS A 272 -29.46 -20.36 5.15
C LYS A 272 -27.96 -20.70 5.19
N LYS A 273 -27.11 -19.76 5.66
CA LYS A 273 -25.69 -19.95 5.88
C LYS A 273 -24.95 -20.33 4.59
N TYR A 274 -25.39 -19.78 3.46
CA TYR A 274 -24.66 -19.90 2.24
C TYR A 274 -23.48 -18.92 2.28
N ILE A 275 -23.66 -17.77 2.94
CA ILE A 275 -22.58 -16.79 3.13
C ILE A 275 -22.15 -16.77 4.57
N ILE A 276 -20.84 -16.89 4.79
CA ILE A 276 -20.18 -16.85 6.06
C ILE A 276 -19.61 -15.45 6.24
N LYS A 277 -19.58 -14.99 7.47
CA LYS A 277 -19.14 -13.64 7.77
C LYS A 277 -18.18 -13.78 8.97
N ASP A 278 -17.09 -13.04 8.94
CA ASP A 278 -16.02 -13.25 9.93
C ASP A 278 -15.30 -11.95 10.19
N GLU A 279 -14.95 -11.76 11.46
CA GLU A 279 -14.41 -10.54 12.00
C GLU A 279 -13.31 -10.94 12.97
N GLN A 280 -12.08 -10.52 12.68
CA GLN A 280 -10.92 -10.85 13.49
C GLN A 280 -10.13 -9.61 13.85
N LYS A 281 -9.89 -9.39 15.13
CA LYS A 281 -8.83 -8.45 15.56
C LYS A 281 -7.54 -8.69 14.76
N ASN A 282 -6.91 -7.60 14.33
CA ASN A 282 -5.66 -7.61 13.60
C ASN A 282 -4.63 -6.77 14.38
N GLU A 283 -3.60 -7.42 14.91
CA GLU A 283 -2.73 -6.81 15.94
C GLU A 283 -1.42 -6.16 15.40
N SER A 284 -1.15 -6.27 14.08
CA SER A 284 0.09 -5.75 13.49
C SER A 284 -0.09 -4.35 12.85
N ALA A 285 0.87 -3.90 12.04
CA ALA A 285 0.82 -2.57 11.44
C ALA A 285 -0.39 -2.40 10.55
N GLN A 286 -0.90 -1.18 10.53
CA GLN A 286 -2.21 -0.89 9.92
C GLN A 286 -2.08 0.11 8.79
N ASP A 287 -2.75 -0.21 7.70
CA ASP A 287 -3.05 0.78 6.68
C ASP A 287 -3.90 1.91 7.29
N THR A 288 -3.64 3.16 6.87
CA THR A 288 -4.38 4.33 7.41
C THR A 288 -4.91 5.16 6.26
N ARG A 289 -6.08 5.74 6.45
CA ARG A 289 -6.64 6.67 5.43
C ARG A 289 -6.33 8.08 5.84
N TRP A 290 -6.07 8.93 4.85
CA TRP A 290 -5.80 10.33 5.05
C TRP A 290 -6.37 11.09 3.83
N LEU A 291 -6.53 12.39 4.01
CA LEU A 291 -6.73 13.32 2.86
C LEU A 291 -5.46 14.09 2.68
N ALA A 292 -4.89 14.00 1.52
CA ALA A 292 -3.68 14.73 1.19
C ALA A 292 -3.99 16.18 0.84
N PHE A 293 -3.30 17.11 1.46
CA PHE A 293 -3.23 18.52 1.07
C PHE A 293 -2.11 18.66 0.05
N ASN A 294 -2.40 19.13 -1.18
CA ASN A 294 -1.32 19.48 -2.07
C ASN A 294 -0.68 20.81 -1.60
N ILE A 295 0.41 20.70 -0.85
CA ILE A 295 1.03 21.88 -0.29
C ILE A 295 1.77 22.76 -1.28
N GLN A 296 1.94 22.30 -2.52
CA GLN A 296 2.48 23.15 -3.61
C GLN A 296 1.46 24.10 -4.18
N ARG A 297 0.19 23.93 -3.84
CA ARG A 297 -0.83 24.90 -4.24
C ARG A 297 -1.02 25.97 -3.19
N PRO A 298 -1.14 27.21 -3.63
CA PRO A 298 -1.18 28.33 -2.68
C PRO A 298 -2.26 28.13 -1.58
N VAL A 299 -3.42 27.55 -1.94
CA VAL A 299 -4.51 27.40 -1.01
C VAL A 299 -4.08 26.60 0.25
N PHE A 300 -3.13 25.69 0.09
CA PHE A 300 -2.69 24.82 1.22
C PHE A 300 -1.21 25.03 1.58
N SER A 301 -0.63 26.15 1.17
CA SER A 301 0.78 26.44 1.49
CA SER A 301 0.77 26.44 1.50
C SER A 301 1.02 26.77 2.97
N ASP A 302 -0.01 27.25 3.70
CA ASP A 302 0.16 27.70 5.05
C ASP A 302 -0.30 26.64 6.01
N ARG A 303 0.59 26.26 6.90
CA ARG A 303 0.30 25.21 7.90
C ARG A 303 -0.95 25.54 8.73
N ARG A 304 -1.16 26.83 8.97
CA ARG A 304 -2.36 27.24 9.73
C ARG A 304 -3.65 26.93 9.03
N VAL A 305 -3.70 27.00 7.70
CA VAL A 305 -4.90 26.76 7.00
C VAL A 305 -5.14 25.23 7.00
N ARG A 306 -4.07 24.47 6.91
CA ARG A 306 -4.15 23.02 6.92
C ARG A 306 -4.67 22.56 8.29
N GLU A 307 -4.15 23.21 9.31
CA GLU A 307 -4.59 22.96 10.74
C GLU A 307 -6.09 23.25 10.90
N ALA A 308 -6.53 24.38 10.35
CA ALA A 308 -7.91 24.81 10.44
C ALA A 308 -8.86 23.85 9.71
N ILE A 309 -8.48 23.46 8.50
CA ILE A 309 -9.31 22.56 7.71
C ILE A 309 -9.42 21.19 8.44
N THR A 310 -8.34 20.74 9.04
CA THR A 310 -8.34 19.54 9.89
C THR A 310 -9.33 19.67 11.08
N LEU A 311 -9.38 20.85 11.71
CA LEU A 311 -10.33 21.07 12.77
C LEU A 311 -11.80 20.99 12.32
N ALA A 312 -12.07 21.32 11.06
CA ALA A 312 -13.38 21.21 10.46
C ALA A 312 -13.84 19.76 10.19
N PHE A 313 -12.96 18.78 10.28
CA PHE A 313 -13.34 17.37 10.05
C PHE A 313 -13.79 16.72 11.36
N ASP A 314 -15.11 16.54 11.50
CA ASP A 314 -15.68 16.09 12.81
C ASP A 314 -15.76 14.57 12.81
N PHE A 315 -14.66 13.94 13.15
CA PHE A 315 -14.59 12.52 13.14
C PHE A 315 -15.55 11.90 14.18
N GLU A 316 -15.61 12.42 15.40
CA GLU A 316 -16.47 11.82 16.45
C GLU A 316 -17.95 11.86 16.08
N TRP A 317 -18.36 12.93 15.36
CA TRP A 317 -19.71 13.01 14.86
C TRP A 317 -19.91 11.94 13.81
N MET A 318 -19.08 11.95 12.75
CA MET A 318 -19.17 10.92 11.70
C MET A 318 -19.20 9.47 12.30
N ASN A 319 -18.28 9.14 13.20
CA ASN A 319 -18.24 7.81 13.74
C ASN A 319 -19.55 7.39 14.45
N LYS A 320 -20.09 8.30 15.25
CA LYS A 320 -21.33 8.05 15.99
C LYS A 320 -22.56 8.07 15.08
N ALA A 321 -22.68 9.07 14.23
CA ALA A 321 -23.91 9.25 13.50
C ALA A 321 -24.00 8.42 12.24
N LEU A 322 -22.84 8.15 11.62
CA LEU A 322 -22.80 7.48 10.32
C LEU A 322 -22.21 6.08 10.31
N PHE A 323 -21.23 5.80 11.18
CA PHE A 323 -20.39 4.62 11.05
C PHE A 323 -20.45 3.67 12.25
N TYR A 324 -21.52 3.75 13.04
CA TYR A 324 -21.76 2.73 14.07
C TYR A 324 -20.58 2.57 15.01
N ASN A 325 -19.85 3.67 15.25
CA ASN A 325 -18.67 3.67 16.09
C ASN A 325 -17.62 2.67 15.65
N ALA A 326 -17.55 2.33 14.37
CA ALA A 326 -16.66 1.26 13.94
C ALA A 326 -15.19 1.63 13.87
N TRP A 327 -14.87 2.88 13.61
CA TRP A 327 -13.53 3.31 13.28
C TRP A 327 -12.72 3.87 14.43
N SER A 328 -11.40 3.80 14.24
CA SER A 328 -10.43 4.46 15.07
C SER A 328 -9.80 5.60 14.26
N ARG A 329 -9.47 6.70 14.94
CA ARG A 329 -8.84 7.85 14.30
C ARG A 329 -7.38 7.53 13.95
N THR A 330 -7.02 7.77 12.69
CA THR A 330 -5.61 7.72 12.28
C THR A 330 -4.81 8.74 13.06
N ASN A 331 -3.62 8.37 13.56
CA ASN A 331 -2.82 9.28 14.28
C ASN A 331 -1.31 9.13 14.13
N SER A 332 -0.87 8.30 13.17
CA SER A 332 0.50 7.96 12.97
C SER A 332 0.79 7.46 11.58
N TYR A 333 2.01 7.72 11.12
CA TYR A 333 2.53 7.13 9.91
C TYR A 333 3.16 5.77 10.19
N PHE A 334 3.24 5.36 11.45
CA PHE A 334 3.65 3.98 11.82
C PHE A 334 2.57 3.40 12.76
N GLN A 335 1.32 3.45 12.29
CA GLN A 335 0.16 3.17 13.13
C GLN A 335 0.25 1.76 13.75
N ASN A 336 -0.03 1.67 15.03
CA ASN A 336 0.00 0.41 15.78
C ASN A 336 1.31 -0.41 15.73
N THR A 337 2.43 0.31 15.66
CA THR A 337 3.77 -0.25 15.80
C THR A 337 4.48 0.52 16.93
N GLU A 338 5.69 0.03 17.24
CA GLU A 338 6.64 0.64 18.16
C GLU A 338 7.23 1.94 17.61
N TYR A 339 7.15 2.13 16.33
CA TYR A 339 7.69 3.33 15.75
C TYR A 339 6.77 4.54 15.85
N ALA A 340 5.50 4.35 16.28
CA ALA A 340 4.57 5.47 16.43
C ALA A 340 4.97 6.40 17.55
N ALA A 341 4.94 7.72 17.31
CA ALA A 341 5.35 8.69 18.31
C ALA A 341 4.23 8.97 19.30
N ARG A 342 3.86 7.94 20.06
CA ARG A 342 2.73 8.07 20.99
C ARG A 342 3.09 8.57 22.41
N ASN A 343 4.38 8.75 22.70
CA ASN A 343 4.84 9.26 24.00
C ASN A 343 5.73 10.46 23.70
N TYR A 344 6.26 11.09 24.77
CA TYR A 344 7.09 12.28 24.61
C TYR A 344 8.45 11.86 24.12
N PRO A 345 9.14 12.74 23.34
CA PRO A 345 10.43 12.36 22.79
C PRO A 345 11.38 11.91 23.90
N ASP A 346 12.10 10.82 23.69
CA ASP A 346 13.14 10.45 24.64
C ASP A 346 14.48 11.15 24.27
N ALA A 347 15.55 10.87 25.03
CA ALA A 347 16.83 11.56 24.82
C ALA A 347 17.43 11.31 23.43
N ALA A 348 17.38 10.06 22.96
CA ALA A 348 17.92 9.79 21.60
C ALA A 348 17.13 10.58 20.55
N GLU A 349 15.81 10.77 20.74
CA GLU A 349 15.02 11.56 19.77
C GLU A 349 15.39 13.04 19.76
N LEU A 350 15.66 13.59 20.94
CA LEU A 350 16.08 14.99 21.07
C LEU A 350 17.47 15.28 20.46
N VAL A 351 18.38 14.32 20.53
CA VAL A 351 19.66 14.42 19.83
C VAL A 351 19.40 14.52 18.33
N LEU A 352 18.42 13.78 17.84
CA LEU A 352 18.07 13.87 16.41
C LEU A 352 17.33 15.14 16.03
N LEU A 353 16.52 15.65 16.97
CA LEU A 353 15.55 16.72 16.72
C LEU A 353 16.05 18.13 17.04
N ALA A 354 16.73 18.27 18.15
CA ALA A 354 17.18 19.59 18.64
C ALA A 354 18.04 20.37 17.62
N PRO A 355 18.93 19.70 16.87
CA PRO A 355 19.67 20.45 15.85
C PRO A 355 18.81 21.18 14.83
N MET A 356 17.55 20.75 14.64
CA MET A 356 16.67 21.31 13.58
C MET A 356 15.53 22.09 14.23
N LYS A 357 15.67 22.44 15.53
CA LYS A 357 14.63 23.17 16.27
C LYS A 357 14.00 24.39 15.54
N LYS A 358 14.81 25.10 14.79
CA LYS A 358 14.40 26.29 14.09
C LYS A 358 13.46 25.98 12.92
N ASP A 359 13.49 24.75 12.43
CA ASP A 359 12.68 24.34 11.33
C ASP A 359 11.59 23.35 11.74
N LEU A 360 11.26 23.31 13.03
CA LEU A 360 10.27 22.37 13.56
C LEU A 360 9.16 23.13 14.24
N PRO A 361 7.90 22.67 14.13
CA PRO A 361 6.89 23.19 15.03
C PRO A 361 7.31 22.94 16.43
N SER A 362 7.09 23.90 17.33
CA SER A 362 7.57 23.72 18.70
C SER A 362 6.88 22.55 19.42
N GLU A 363 5.66 22.22 19.00
CA GLU A 363 4.92 21.10 19.59
C GLU A 363 5.56 19.72 19.45
N VAL A 364 6.43 19.57 18.47
CA VAL A 364 7.25 18.36 18.34
C VAL A 364 7.93 18.03 19.69
N PHE A 365 8.34 19.05 20.45
CA PHE A 365 9.09 18.85 21.70
C PHE A 365 8.18 18.81 22.95
N THR A 366 7.05 19.52 22.90
CA THR A 366 6.20 19.72 24.08
C THR A 366 4.94 18.90 24.17
N GLN A 367 4.50 18.30 23.07
CA GLN A 367 3.18 17.70 22.98
C GLN A 367 3.20 16.35 22.25
N ILE A 368 2.22 15.53 22.56
CA ILE A 368 1.98 14.32 21.78
C ILE A 368 0.92 14.70 20.78
N TYR A 369 1.15 14.33 19.52
CA TYR A 369 0.26 14.66 18.41
C TYR A 369 -1.07 13.97 18.61
N GLN A 370 -2.15 14.75 18.58
CA GLN A 370 -3.51 14.20 18.70
C GLN A 370 -4.37 14.90 17.71
N PRO A 371 -4.94 14.19 16.74
CA PRO A 371 -5.90 14.84 15.85
C PRO A 371 -7.04 15.43 16.66
N PRO A 372 -7.73 16.43 16.13
CA PRO A 372 -8.84 17.04 16.90
C PRO A 372 -9.95 16.07 17.32
N VAL A 373 -10.36 16.22 18.56
CA VAL A 373 -11.48 15.46 19.13
C VAL A 373 -12.65 16.41 19.37
N SER A 374 -13.84 16.06 18.93
CA SER A 374 -15.08 16.81 19.24
C SER A 374 -15.93 15.99 20.24
N LYS A 375 -17.02 16.54 20.72
CA LYS A 375 -17.91 15.77 21.59
C LYS A 375 -18.81 14.81 20.77
N GLY A 376 -18.96 15.01 19.46
CA GLY A 376 -19.72 14.08 18.64
C GLY A 376 -21.15 14.48 18.40
N ASP A 377 -21.53 15.65 18.95
CA ASP A 377 -22.87 16.25 18.86
C ASP A 377 -23.13 16.96 17.58
N GLY A 378 -22.08 17.22 16.79
CA GLY A 378 -22.24 18.12 15.66
C GLY A 378 -21.90 19.50 16.23
N TYR A 379 -21.47 20.38 15.31
CA TYR A 379 -21.14 21.78 15.58
C TYR A 379 -20.23 21.96 16.77
N ASP A 380 -19.01 21.42 16.73
CA ASP A 380 -18.09 21.60 17.86
C ASP A 380 -17.64 23.05 17.90
N ARG A 381 -18.04 23.79 18.91
CA ARG A 381 -17.71 25.20 18.91
C ARG A 381 -16.25 25.51 19.23
N ASP A 382 -15.62 24.77 20.15
CA ASP A 382 -14.17 24.95 20.41
C ASP A 382 -13.29 24.76 19.15
N ASN A 383 -13.54 23.66 18.46
CA ASN A 383 -12.75 23.31 17.28
C ASN A 383 -13.05 24.29 16.18
N LEU A 384 -14.30 24.68 15.98
CA LEU A 384 -14.60 25.62 14.87
C LEU A 384 -14.15 27.03 15.18
N LEU A 385 -14.15 27.40 16.44
CA LEU A 385 -13.63 28.71 16.81
C LEU A 385 -12.11 28.77 16.64
N LYS A 386 -11.40 27.67 16.96
CA LYS A 386 -9.96 27.59 16.74
C LYS A 386 -9.63 27.66 15.26
N ALA A 387 -10.44 26.99 14.43
CA ALA A 387 -10.26 27.01 12.99
C ALA A 387 -10.39 28.44 12.52
N ASP A 388 -11.40 29.12 13.01
CA ASP A 388 -11.58 30.54 12.63
C ASP A 388 -10.36 31.40 13.02
N LYS A 389 -9.85 31.22 14.25
CA LYS A 389 -8.71 31.98 14.75
C LYS A 389 -7.47 31.80 13.90
N LEU A 390 -7.24 30.55 13.47
CA LEU A 390 -6.12 30.23 12.63
C LEU A 390 -6.27 30.76 11.26
N LEU A 391 -7.48 30.63 10.70
CA LEU A 391 -7.72 31.19 9.34
C LEU A 391 -7.44 32.68 9.28
N ASN A 392 -8.00 33.39 10.23
CA ASN A 392 -7.82 34.85 10.37
C ASN A 392 -6.33 35.20 10.47
N GLU A 393 -5.57 34.53 11.31
CA GLU A 393 -4.13 34.78 11.38
C GLU A 393 -3.45 34.56 10.01
N ALA A 394 -3.87 33.53 9.27
CA ALA A 394 -3.30 33.26 7.94
C ALA A 394 -3.79 34.24 6.85
N GLY A 395 -4.73 35.12 7.20
CA GLY A 395 -5.20 36.18 6.28
C GLY A 395 -6.44 35.81 5.52
N TRP A 396 -7.19 34.80 6.02
CA TRP A 396 -8.44 34.36 5.40
C TRP A 396 -9.61 34.70 6.27
N VAL A 397 -10.32 35.77 5.87
CA VAL A 397 -11.29 36.42 6.80
C VAL A 397 -12.71 36.41 6.21
N LEU A 398 -13.72 36.39 7.07
CA LEU A 398 -15.10 36.37 6.57
C LEU A 398 -15.51 37.72 5.97
N LYS A 399 -16.01 37.68 4.74
CA LYS A 399 -16.68 38.84 4.16
C LYS A 399 -18.01 38.32 3.69
N GLY A 400 -19.03 38.68 4.44
CA GLY A 400 -20.36 38.08 4.28
C GLY A 400 -20.27 36.71 4.87
N GLN A 401 -20.74 35.72 4.13
CA GLN A 401 -20.68 34.34 4.58
C GLN A 401 -19.39 33.62 4.07
N GLN A 402 -18.56 34.31 3.28
CA GLN A 402 -17.45 33.67 2.54
C GLN A 402 -16.11 34.07 3.12
N ARG A 403 -15.21 33.11 3.25
CA ARG A 403 -13.86 33.43 3.59
C ARG A 403 -13.07 33.95 2.38
N VAL A 404 -12.44 35.11 2.52
CA VAL A 404 -11.68 35.74 1.49
C VAL A 404 -10.33 36.21 2.03
N ASN A 405 -9.33 36.16 1.17
CA ASN A 405 -8.01 36.57 1.53
C ASN A 405 -8.08 38.04 1.89
N ALA A 406 -7.51 38.37 3.04
CA ALA A 406 -7.60 39.71 3.61
C ALA A 406 -6.93 40.76 2.76
N THR A 407 -5.92 40.36 2.00
CA THR A 407 -5.24 41.26 1.09
C THR A 407 -6.00 41.42 -0.20
N THR A 408 -6.32 40.29 -0.84
CA THR A 408 -6.71 40.26 -2.26
C THR A 408 -8.23 40.15 -2.46
N GLY A 409 -8.99 39.76 -1.42
CA GLY A 409 -10.40 39.41 -1.57
C GLY A 409 -10.74 38.12 -2.35
N GLN A 410 -9.75 37.37 -2.89
CA GLN A 410 -9.94 35.95 -3.36
C GLN A 410 -10.73 35.05 -2.36
N PRO A 411 -11.82 34.40 -2.81
CA PRO A 411 -12.41 33.39 -1.90
C PRO A 411 -11.50 32.20 -1.60
N LEU A 412 -11.59 31.69 -0.36
CA LEU A 412 -10.96 30.48 0.02
C LEU A 412 -11.77 29.31 -0.49
N SER A 413 -11.22 28.63 -1.51
CA SER A 413 -11.97 27.62 -2.24
C SER A 413 -11.00 26.52 -2.67
N PHE A 414 -11.43 25.28 -2.65
CA PHE A 414 -10.58 24.17 -3.17
C PHE A 414 -11.45 23.02 -3.66
N GLU A 415 -10.84 22.15 -4.47
CA GLU A 415 -11.54 21.00 -5.03
C GLU A 415 -11.09 19.71 -4.37
N LEU A 416 -12.07 18.94 -3.89
CA LEU A 416 -11.85 17.60 -3.39
C LEU A 416 -12.08 16.66 -4.54
N LEU A 417 -11.00 16.00 -4.96
CA LEU A 417 -11.03 15.02 -6.01
C LEU A 417 -11.28 13.65 -5.39
N LEU A 418 -12.29 12.96 -5.90
CA LEU A 418 -12.75 11.62 -5.41
C LEU A 418 -12.95 10.59 -6.53
N PRO A 419 -12.64 9.33 -6.24
CA PRO A 419 -13.05 8.26 -7.15
C PRO A 419 -14.55 8.04 -7.01
N ALA A 420 -15.21 8.08 -8.15
CA ALA A 420 -16.59 7.71 -8.27
C ALA A 420 -16.92 6.33 -7.61
N SER A 421 -15.95 5.45 -7.53
CA SER A 421 -16.18 4.07 -7.09
CA SER A 421 -16.18 4.07 -7.09
C SER A 421 -16.30 3.92 -5.57
N SER A 422 -15.84 4.91 -4.81
CA SER A 422 -15.86 4.83 -3.35
C SER A 422 -17.22 5.31 -2.75
N ASN A 423 -17.55 4.80 -1.57
CA ASN A 423 -18.80 5.16 -0.84
C ASN A 423 -19.00 6.71 -0.56
N SER A 424 -17.98 7.28 0.07
CA SER A 424 -17.87 8.71 0.38
CA SER A 424 -17.90 8.72 0.32
C SER A 424 -19.00 9.38 1.21
N GLN A 425 -19.58 8.67 2.18
CA GLN A 425 -20.62 9.23 3.07
C GLN A 425 -20.14 10.42 3.98
N TRP A 426 -18.85 10.50 4.25
CA TRP A 426 -18.26 11.58 5.01
C TRP A 426 -18.15 12.93 4.29
N VAL A 427 -18.34 12.94 2.97
CA VAL A 427 -17.97 14.08 2.12
C VAL A 427 -18.91 15.25 2.35
N LEU A 428 -20.23 15.01 2.31
CA LEU A 428 -21.14 16.14 2.50
C LEU A 428 -21.07 16.74 3.91
N PRO A 429 -21.00 15.90 4.94
CA PRO A 429 -20.85 16.52 6.23
C PRO A 429 -19.59 17.36 6.31
N PHE A 430 -18.51 16.92 5.70
CA PHE A 430 -17.25 17.73 5.74
C PHE A 430 -17.46 19.02 4.96
N GLN A 431 -18.07 18.88 3.81
CA GLN A 431 -18.39 20.07 2.99
C GLN A 431 -19.24 21.11 3.75
N HIS A 432 -20.20 20.58 4.53
CA HIS A 432 -21.11 21.42 5.30
C HIS A 432 -20.38 22.14 6.39
N SER A 433 -19.55 21.38 7.14
CA SER A 433 -18.70 21.97 8.15
C SER A 433 -17.81 23.12 7.58
N LEU A 434 -17.14 22.82 6.49
CA LEU A 434 -16.34 23.86 5.80
C LEU A 434 -17.18 25.05 5.39
N GLN A 435 -18.39 24.81 4.88
CA GLN A 435 -19.27 25.92 4.47
C GLN A 435 -19.64 26.84 5.68
N ARG A 436 -19.77 26.26 6.86
CA ARG A 436 -20.02 27.03 8.07
C ARG A 436 -18.82 27.85 8.52
N LEU A 437 -17.61 27.52 8.07
CA LEU A 437 -16.41 28.38 8.21
C LEU A 437 -16.24 29.37 7.07
N GLY A 438 -17.16 29.39 6.13
CA GLY A 438 -16.98 30.20 4.93
C GLY A 438 -16.04 29.66 3.86
N ILE A 439 -15.70 28.38 3.95
CA ILE A 439 -14.83 27.71 2.98
C ILE A 439 -15.66 26.95 1.95
N ASN A 440 -15.38 27.20 0.66
CA ASN A 440 -16.01 26.44 -0.39
C ASN A 440 -15.16 25.23 -0.84
N MET A 441 -15.71 24.04 -0.74
CA MET A 441 -15.08 22.81 -1.23
C MET A 441 -15.96 22.25 -2.32
N ASP A 442 -15.43 22.30 -3.54
CA ASP A 442 -16.07 21.69 -4.67
C ASP A 442 -15.77 20.18 -4.64
N ILE A 443 -16.76 19.35 -4.91
CA ILE A 443 -16.56 17.91 -4.97
C ILE A 443 -16.48 17.50 -6.45
N ARG A 444 -15.42 16.81 -6.81
CA ARG A 444 -15.38 16.18 -8.13
C ARG A 444 -15.07 14.70 -8.07
N LYS A 445 -16.06 13.90 -8.44
CA LYS A 445 -15.95 12.45 -8.66
C LYS A 445 -15.55 12.11 -10.07
N VAL A 446 -14.51 11.33 -10.26
CA VAL A 446 -14.01 11.01 -11.62
C VAL A 446 -13.82 9.50 -11.71
N ASP A 447 -13.74 8.98 -12.92
CA ASP A 447 -13.51 7.56 -13.11
C ASP A 447 -12.09 7.11 -12.70
N ASN A 448 -11.89 5.78 -12.63
CA ASN A 448 -10.66 5.19 -12.09
C ASN A 448 -9.42 5.57 -12.92
N SER A 449 -9.56 5.70 -14.23
CA SER A 449 -8.43 6.09 -15.06
C SER A 449 -8.03 7.61 -14.88
N GLN A 450 -9.01 8.48 -14.73
CA GLN A 450 -8.72 9.88 -14.42
C GLN A 450 -8.12 10.00 -13.01
N ILE A 451 -8.71 9.31 -12.04
CA ILE A 451 -8.20 9.36 -10.67
C ILE A 451 -6.72 8.91 -10.59
N THR A 452 -6.41 7.81 -11.27
CA THR A 452 -5.03 7.29 -11.28
C THR A 452 -4.09 8.28 -11.90
N ASN A 453 -4.44 8.84 -13.06
CA ASN A 453 -3.58 9.81 -13.72
C ASN A 453 -3.33 11.05 -12.85
N ARG A 454 -4.38 11.61 -12.30
CA ARG A 454 -4.30 12.82 -11.54
C ARG A 454 -3.63 12.56 -10.21
N MET A 455 -3.83 11.38 -9.64
CA MET A 455 -3.17 11.10 -8.36
C MET A 455 -1.66 11.08 -8.62
N ARG A 456 -1.25 10.40 -9.69
CA ARG A 456 0.15 10.32 -10.07
C ARG A 456 0.85 11.66 -10.32
N SER A 457 0.18 12.60 -11.00
CA SER A 457 0.76 13.87 -11.31
C SER A 457 0.49 14.94 -10.20
N ARG A 458 -0.21 14.58 -9.11
CA ARG A 458 -0.63 15.49 -8.06
C ARG A 458 -1.46 16.68 -8.61
N ASP A 459 -2.27 16.43 -9.63
CA ASP A 459 -3.22 17.39 -10.17
C ASP A 459 -4.51 17.38 -9.32
N TYR A 460 -4.35 17.81 -8.06
CA TYR A 460 -5.47 18.01 -7.16
C TYR A 460 -5.13 19.02 -6.11
N ASP A 461 -6.15 19.54 -5.43
CA ASP A 461 -5.96 20.32 -4.23
C ASP A 461 -5.96 19.37 -3.08
N MET A 462 -6.97 18.51 -3.02
CA MET A 462 -7.10 17.53 -1.92
C MET A 462 -7.61 16.26 -2.51
N MET A 463 -7.09 15.12 -2.09
CA MET A 463 -7.69 13.85 -2.46
C MET A 463 -7.43 12.80 -1.39
N PRO A 464 -8.25 11.75 -1.33
CA PRO A 464 -7.99 10.69 -0.31
C PRO A 464 -6.81 9.86 -0.73
N ARG A 465 -5.99 9.46 0.22
CA ARG A 465 -4.83 8.60 -0.05
C ARG A 465 -4.78 7.61 1.08
N VAL A 466 -4.39 6.40 0.73
CA VAL A 466 -4.10 5.36 1.73
C VAL A 466 -2.62 5.34 2.01
N TRP A 467 -2.24 5.40 3.30
CA TRP A 467 -0.84 5.21 3.69
C TRP A 467 -0.71 3.77 4.11
N ARG A 468 -0.06 2.98 3.25
CA ARG A 468 0.09 1.54 3.53
C ARG A 468 0.90 1.27 4.77
N ALA A 469 0.48 0.21 5.49
CA ALA A 469 1.13 -0.21 6.73
C ALA A 469 2.67 -0.25 6.55
N MET A 470 3.40 0.35 7.47
CA MET A 470 4.86 0.31 7.41
C MET A 470 5.41 -0.24 8.72
N PRO A 471 5.77 -1.54 8.72
CA PRO A 471 5.99 -2.13 10.06
C PRO A 471 7.29 -1.64 10.76
N TRP A 472 8.24 -1.09 10.01
CA TRP A 472 9.49 -0.48 10.53
C TRP A 472 9.78 0.70 9.60
N PRO A 473 10.71 1.61 9.96
CA PRO A 473 11.00 2.73 9.08
C PRO A 473 11.89 2.28 7.92
N SER A 474 11.25 2.01 6.81
CA SER A 474 11.86 1.41 5.66
C SER A 474 12.54 2.51 4.83
N SER A 475 13.55 2.11 4.08
CA SER A 475 14.18 2.98 3.10
C SER A 475 13.22 3.33 1.99
N ASP A 476 12.10 2.62 1.86
CA ASP A 476 11.04 3.10 0.99
C ASP A 476 10.53 4.47 1.36
N LEU A 477 10.66 4.87 2.63
CA LEU A 477 10.18 6.22 3.05
C LEU A 477 10.70 7.31 2.20
N GLN A 478 11.94 7.21 1.70
CA GLN A 478 12.47 8.26 0.83
C GLN A 478 11.64 8.50 -0.40
N ILE A 479 11.05 7.42 -0.94
CA ILE A 479 10.31 7.54 -2.22
C ILE A 479 9.03 8.37 -2.06
N SER A 480 8.43 8.20 -0.91
CA SER A 480 7.19 8.89 -0.54
C SER A 480 7.39 10.33 -0.01
N TRP A 481 8.57 10.63 0.56
CA TRP A 481 8.78 11.87 1.38
C TRP A 481 10.04 12.69 1.07
N SER A 482 11.13 12.10 0.57
CA SER A 482 12.37 12.82 0.34
C SER A 482 12.31 13.68 -0.91
N SER A 483 12.96 14.83 -0.84
CA SER A 483 12.86 15.88 -1.89
CA SER A 483 12.79 15.87 -1.87
C SER A 483 13.18 15.39 -3.28
N GLU A 484 14.19 14.53 -3.37
CA GLU A 484 14.67 14.13 -4.71
C GLU A 484 13.68 13.16 -5.40
N TYR A 485 12.84 12.49 -4.61
CA TYR A 485 11.80 11.57 -5.09
C TYR A 485 10.40 12.20 -5.30
N ILE A 486 10.37 13.54 -5.32
CA ILE A 486 9.13 14.29 -5.45
C ILE A 486 8.20 13.86 -6.59
N ASN A 487 8.75 13.33 -7.67
CA ASN A 487 7.94 12.92 -8.78
C ASN A 487 7.84 11.38 -8.84
N SER A 488 7.99 10.66 -7.71
CA SER A 488 7.85 9.22 -7.71
C SER A 488 6.38 8.71 -7.92
N THR A 489 5.41 9.61 -7.79
CA THR A 489 3.97 9.38 -7.64
C THR A 489 3.49 9.01 -6.22
N TYR A 490 4.41 8.91 -5.28
CA TYR A 490 4.08 8.54 -3.86
C TYR A 490 4.19 9.68 -2.86
N ASN A 491 4.62 10.86 -3.30
CA ASN A 491 4.73 12.02 -2.41
C ASN A 491 3.43 12.80 -2.60
N ALA A 492 2.47 12.43 -1.77
CA ALA A 492 1.06 12.91 -1.94
C ALA A 492 0.89 14.42 -1.66
N PRO A 493 1.56 14.96 -0.64
CA PRO A 493 1.43 16.41 -0.38
C PRO A 493 2.33 17.30 -1.19
N GLY A 494 3.34 16.71 -1.84
CA GLY A 494 4.33 17.51 -2.58
C GLY A 494 5.38 18.13 -1.66
N VAL A 495 5.78 17.43 -0.60
CA VAL A 495 6.69 18.04 0.35
C VAL A 495 8.17 17.87 -0.02
N GLN A 496 8.93 18.96 0.12
CA GLN A 496 10.39 18.98 -0.10
C GLN A 496 10.98 19.68 1.09
N SER A 497 11.30 18.92 2.13
CA SER A 497 11.72 19.50 3.38
C SER A 497 13.14 18.98 3.73
N PRO A 498 14.02 19.89 4.15
CA PRO A 498 15.36 19.49 4.58
C PRO A 498 15.35 18.75 5.91
N VAL A 499 14.32 18.96 6.73
CA VAL A 499 14.18 18.25 7.99
C VAL A 499 13.83 16.75 7.71
N ILE A 500 12.82 16.56 6.89
CA ILE A 500 12.43 15.21 6.46
C ILE A 500 13.62 14.49 5.78
N ASP A 501 14.19 15.15 4.78
CA ASP A 501 15.40 14.64 4.09
C ASP A 501 16.50 14.18 5.01
N SER A 502 16.83 14.99 6.00
CA SER A 502 17.89 14.63 6.93
C SER A 502 17.48 13.45 7.75
N LEU A 503 16.27 13.40 8.30
CA LEU A 503 15.89 12.22 9.14
C LEU A 503 15.83 10.90 8.33
N ILE A 504 15.42 11.02 7.07
CA ILE A 504 15.33 9.87 6.20
C ILE A 504 16.71 9.44 5.71
N ASN A 505 17.59 10.40 5.39
CA ASN A 505 19.01 10.05 5.17
C ASN A 505 19.60 9.23 6.33
N GLN A 506 19.29 9.60 7.55
CA GLN A 506 19.69 8.83 8.72
C GLN A 506 19.11 7.44 8.76
N ILE A 507 17.78 7.35 8.56
CA ILE A 507 17.13 6.09 8.44
C ILE A 507 17.73 5.23 7.34
N ILE A 508 18.01 5.76 6.12
CA ILE A 508 18.52 4.96 5.05
C ILE A 508 19.95 4.54 5.28
N ALA A 509 20.63 5.16 6.25
CA ALA A 509 22.00 4.77 6.70
C ALA A 509 21.95 3.81 7.84
N ALA A 510 20.76 3.50 8.35
CA ALA A 510 20.63 2.59 9.53
C ALA A 510 19.77 1.36 9.15
N GLN A 511 19.73 1.03 7.86
CA GLN A 511 18.94 -0.13 7.37
C GLN A 511 19.45 -1.37 8.11
N GLY A 512 18.52 -2.16 8.64
CA GLY A 512 18.84 -3.38 9.38
C GLY A 512 19.12 -3.16 10.86
N ASN A 513 19.12 -1.91 11.30
CA ASN A 513 19.49 -1.63 12.68
C ASN A 513 18.34 -1.11 13.50
N LYS A 514 17.66 -2.03 14.19
CA LYS A 514 16.47 -1.64 14.93
C LYS A 514 16.73 -0.58 16.04
N GLU A 515 17.89 -0.66 16.67
CA GLU A 515 18.26 0.21 17.81
C GLU A 515 18.27 1.70 17.38
N LYS A 516 18.82 1.95 16.19
CA LYS A 516 18.89 3.31 15.65
C LYS A 516 17.59 3.74 14.89
N LEU A 517 16.84 2.76 14.39
CA LEU A 517 15.60 3.07 13.70
C LEU A 517 14.40 3.45 14.63
N LEU A 518 14.38 2.98 15.87
CA LEU A 518 13.31 3.29 16.78
C LEU A 518 13.12 4.79 17.07
N PRO A 519 14.19 5.48 17.54
CA PRO A 519 14.04 6.93 17.75
C PRO A 519 13.93 7.68 16.42
N LEU A 520 14.57 7.21 15.37
CA LEU A 520 14.44 7.85 14.05
C LEU A 520 13.00 7.81 13.46
N GLY A 521 12.32 6.67 13.64
CA GLY A 521 10.93 6.53 13.17
C GLY A 521 9.96 7.41 13.94
N ARG A 522 10.10 7.43 15.25
CA ARG A 522 9.30 8.34 16.07
C ARG A 522 9.52 9.83 15.76
N ALA A 523 10.78 10.20 15.64
CA ALA A 523 11.13 11.54 15.25
C ALA A 523 10.45 11.91 13.95
N LEU A 524 10.60 11.06 12.93
CA LEU A 524 10.00 11.33 11.60
C LEU A 524 8.45 11.43 11.70
N ASP A 525 7.87 10.58 12.52
CA ASP A 525 6.45 10.56 12.74
C ASP A 525 6.00 11.94 13.32
N ARG A 526 6.73 12.48 14.29
CA ARG A 526 6.42 13.82 14.85
C ARG A 526 6.48 14.88 13.75
N VAL A 527 7.50 14.82 12.91
CA VAL A 527 7.66 15.85 11.86
C VAL A 527 6.52 15.76 10.86
N LEU A 528 6.22 14.56 10.37
CA LEU A 528 5.16 14.40 9.35
C LEU A 528 3.77 14.79 9.92
N THR A 529 3.47 14.43 11.19
CA THR A 529 2.17 14.66 11.77
C THR A 529 1.98 16.14 12.12
N TRP A 530 2.97 16.73 12.80
CA TRP A 530 2.85 18.07 13.30
C TRP A 530 2.86 19.11 12.19
N ASN A 531 3.41 18.77 11.06
CA ASN A 531 3.28 19.67 9.87
C ASN A 531 1.90 19.65 9.17
N TYR A 532 1.00 18.72 9.54
CA TYR A 532 -0.34 18.63 8.94
C TYR A 532 -0.23 18.57 7.42
N TYR A 533 0.71 17.78 6.93
CA TYR A 533 0.80 17.56 5.48
C TYR A 533 -0.43 16.86 4.91
N MET A 534 -1.05 16.01 5.74
CA MET A 534 -2.30 15.33 5.41
C MET A 534 -3.24 15.40 6.58
N LEU A 535 -4.53 15.19 6.28
CA LEU A 535 -5.63 15.27 7.23
C LEU A 535 -5.90 13.80 7.62
N PRO A 536 -5.62 13.40 8.89
CA PRO A 536 -5.91 12.01 9.21
C PRO A 536 -7.42 11.62 9.21
N MET A 537 -7.71 10.48 8.64
CA MET A 537 -9.08 9.97 8.62
C MET A 537 -9.13 8.81 9.64
N TRP A 538 -9.26 7.59 9.18
CA TRP A 538 -9.51 6.46 10.07
C TRP A 538 -8.90 5.16 9.58
N TYR A 539 -8.89 4.18 10.49
CA TYR A 539 -8.57 2.76 10.23
C TYR A 539 -9.35 1.88 11.22
N MET A 540 -9.39 0.60 11.00
CA MET A 540 -9.74 -0.32 12.13
C MET A 540 -8.79 -1.46 12.17
N ALA A 541 -8.47 -1.90 13.38
CA ALA A 541 -7.55 -3.01 13.52
C ALA A 541 -8.41 -4.25 13.63
N GLU A 542 -8.98 -4.62 12.52
CA GLU A 542 -9.97 -5.68 12.49
C GLU A 542 -10.28 -5.94 11.01
N ASP A 543 -10.17 -7.17 10.56
CA ASP A 543 -10.50 -7.47 9.17
C ASP A 543 -11.94 -8.00 9.17
N ARG A 544 -12.79 -7.45 8.31
CA ARG A 544 -14.20 -7.87 8.19
C ARG A 544 -14.33 -8.50 6.84
N LEU A 545 -14.55 -9.82 6.82
CA LEU A 545 -14.60 -10.59 5.57
C LEU A 545 -15.89 -11.40 5.50
N ALA A 546 -16.36 -11.63 4.28
CA ALA A 546 -17.49 -12.46 4.05
C ALA A 546 -17.22 -13.28 2.82
N TRP A 547 -17.71 -14.52 2.82
CA TRP A 547 -17.59 -15.31 1.61
C TRP A 547 -18.67 -16.35 1.48
N TRP A 548 -18.96 -16.68 0.22
CA TRP A 548 -19.80 -17.86 -0.07
C TRP A 548 -19.10 -19.15 0.39
N ASP A 549 -19.85 -20.08 1.00
CA ASP A 549 -19.28 -21.19 1.79
C ASP A 549 -18.91 -22.38 0.90
N LYS A 550 -17.84 -22.18 0.14
CA LYS A 550 -17.32 -23.13 -0.78
C LYS A 550 -15.82 -23.35 -0.57
N PHE A 551 -15.25 -22.85 0.53
CA PHE A 551 -13.82 -22.87 0.78
C PHE A 551 -13.48 -23.48 2.11
N SER A 552 -12.29 -24.06 2.18
CA SER A 552 -11.68 -24.37 3.44
C SER A 552 -10.30 -23.64 3.56
N GLN A 553 -9.80 -23.61 4.79
CA GLN A 553 -8.71 -22.72 5.20
C GLN A 553 -7.83 -23.47 6.13
N PRO A 554 -6.53 -23.14 6.16
CA PRO A 554 -5.63 -23.70 7.17
C PRO A 554 -6.03 -23.25 8.56
N ALA A 555 -5.68 -24.07 9.56
CA ALA A 555 -5.90 -23.65 10.96
C ALA A 555 -5.32 -22.28 11.28
N VAL A 556 -4.15 -21.96 10.73
CA VAL A 556 -3.46 -20.70 11.13
C VAL A 556 -3.59 -19.67 10.01
N ARG A 557 -3.94 -18.42 10.35
CA ARG A 557 -3.97 -17.28 9.40
C ARG A 557 -2.66 -16.43 9.50
N PRO A 558 -2.10 -15.99 8.36
CA PRO A 558 -0.87 -15.22 8.49
C PRO A 558 -1.08 -13.84 9.11
N VAL A 559 -0.06 -13.31 9.75
CA VAL A 559 -0.16 -12.03 10.47
C VAL A 559 -0.32 -10.86 9.52
N TYR A 560 0.39 -10.85 8.39
CA TYR A 560 0.45 -9.72 7.46
C TYR A 560 -0.39 -9.81 6.23
N SER A 561 -1.24 -10.82 6.17
CA SER A 561 -2.19 -10.90 5.09
C SER A 561 -3.37 -11.78 5.51
N LEU A 562 -4.38 -11.76 4.67
CA LEU A 562 -5.57 -12.60 4.92
C LEU A 562 -5.33 -14.08 4.59
N GLY A 563 -4.29 -14.35 3.79
CA GLY A 563 -3.96 -15.73 3.41
C GLY A 563 -4.89 -16.42 2.44
N ILE A 564 -5.56 -15.64 1.58
CA ILE A 564 -6.56 -16.21 0.64
C ILE A 564 -5.81 -17.19 -0.28
N ASP A 565 -4.53 -16.92 -0.55
CA ASP A 565 -3.78 -17.83 -1.43
C ASP A 565 -3.48 -19.20 -0.84
N THR A 566 -3.74 -19.35 0.43
CA THR A 566 -3.65 -20.61 1.09
C THR A 566 -5.01 -21.36 1.15
N TRP A 567 -6.10 -20.71 0.75
CA TRP A 567 -7.41 -21.38 0.80
C TRP A 567 -7.53 -22.38 -0.37
N TRP A 568 -8.51 -23.23 -0.26
CA TRP A 568 -8.83 -24.18 -1.28
C TRP A 568 -10.32 -24.38 -1.43
N TYR A 569 -10.66 -24.99 -2.55
CA TYR A 569 -12.03 -25.19 -2.94
C TYR A 569 -12.48 -26.47 -2.26
N ASP A 570 -13.58 -26.38 -1.50
CA ASP A 570 -14.01 -27.49 -0.71
C ASP A 570 -15.29 -28.07 -1.38
N VAL A 571 -15.16 -29.26 -1.97
CA VAL A 571 -16.21 -29.86 -2.81
C VAL A 571 -17.44 -30.23 -2.00
N ASN A 572 -17.28 -30.58 -0.75
CA ASN A 572 -18.42 -30.88 0.12
C ASN A 572 -19.17 -29.63 0.53
N LYS A 573 -18.48 -28.56 0.93
CA LYS A 573 -19.20 -27.31 1.28
C LYS A 573 -19.87 -26.71 0.05
N ALA A 574 -19.17 -26.76 -1.06
CA ALA A 574 -19.68 -26.16 -2.30
C ALA A 574 -20.96 -26.87 -2.86
N ALA A 575 -21.02 -28.18 -2.65
CA ALA A 575 -22.16 -29.02 -3.02
C ALA A 575 -23.45 -28.59 -2.35
N LYS A 576 -23.38 -27.99 -1.14
CA LYS A 576 -24.55 -27.52 -0.36
C LYS A 576 -25.16 -26.16 -0.83
N LEU A 577 -24.43 -25.43 -1.66
CA LEU A 577 -24.88 -24.14 -2.14
C LEU A 577 -25.72 -24.33 -3.39
N PRO A 578 -26.72 -23.47 -3.63
CA PRO A 578 -27.43 -23.52 -4.92
C PRO A 578 -26.59 -23.01 -6.07
N SER A 579 -27.07 -23.21 -7.30
CA SER A 579 -26.47 -22.66 -8.52
C SER A 579 -26.51 -21.14 -8.61
N FME B 1 7.34 2.65 -3.27
CN FME B 1 6.41 2.77 -2.15
O1 FME B 1 6.40 3.79 -1.48
CA FME B 1 7.64 1.54 -4.19
CB FME B 1 6.57 0.55 -4.57
CG FME B 1 6.96 -0.56 -5.52
SD FME B 1 6.50 -2.05 -4.56
CE FME B 1 7.65 -2.30 -3.15
C FME B 1 8.55 1.96 -5.35
O FME B 1 8.41 2.78 -6.14
N ARG B 2 9.72 1.20 -5.34
CA ARG B 2 10.78 1.41 -6.25
C ARG B 2 10.59 0.89 -7.65
N THR B 3 9.62 -0.11 -7.93
CA THR B 3 9.51 -0.68 -9.24
C THR B 3 8.29 -0.24 -10.02
N GLY B 4 7.23 0.38 -9.34
CA GLY B 4 6.05 0.78 -10.03
C GLY B 4 5.40 2.05 -9.55
N ASN B 5 4.48 2.72 -10.41
CA ASN B 5 3.86 3.92 -9.99
C ASN B 5 2.63 3.60 -9.13
N ALA B 6 2.14 4.63 -8.27
CA ALA B 6 1.01 4.49 -7.39
C ALA B 6 -0.17 3.98 -8.20
N ASN B 7 -0.84 2.90 -7.56
CA ASN B 7 -1.87 1.90 -7.84
C ASN B 7 -2.32 1.58 -9.26
#